data_4HR1
#
_entry.id   4HR1
#
_cell.length_a   73.5458
_cell.length_b   73.5458
_cell.length_c   191.5493
_cell.angle_alpha   90.00
_cell.angle_beta   90.00
_cell.angle_gamma   120.00
#
_symmetry.space_group_name_H-M   'P 61 2 2'
#
loop_
_entity.id
_entity.type
_entity.pdbx_description
1 polymer 'Putative uncharacterized protein'
2 polymer 'Putative uncharacterized protein'
3 water water
#
loop_
_entity_poly.entity_id
_entity_poly.type
_entity_poly.pdbx_seq_one_letter_code
_entity_poly.pdbx_strand_id
1 'polypeptide(L)'
;MAFNGAQTVIQKISWLRTAIAFLKGY(MSE)ETTGATKKELEQVEKLKERVDEIATAVNWDVYAQYARGDFNLLSDDEYK
EIQKALLVLEDIKEQIIVEMLRVGLAQGQMGTLKISDYLDSLDSHHHHHH
;
A
2 'polypeptide(L)'
;MAFNGAQTVIQKISWLRTAIAFLKGYMETTGATKKELEQVEKLKERVDEIATAVNWDVYAQYARGDFNLLSDDEYKEIQK
ALLVLEDIKEQIIVEMLRVGLAQGQMGTLKISDYLDSLDSHHHHHH
;
B
#
# COMPACT_ATOMS: atom_id res chain seq x y z
N PHE A 3 0.46 -20.79 -6.55
CA PHE A 3 0.01 -19.56 -5.89
C PHE A 3 0.03 -18.34 -6.84
N ASN A 4 -0.74 -17.27 -6.52
CA ASN A 4 -0.73 -16.05 -7.32
C ASN A 4 0.30 -15.11 -6.70
N GLY A 5 1.51 -15.17 -7.21
CA GLY A 5 2.67 -14.42 -6.74
C GLY A 5 2.45 -12.94 -6.45
N ALA A 6 1.98 -12.18 -7.48
CA ALA A 6 1.75 -10.73 -7.40
C ALA A 6 0.69 -10.37 -6.37
N GLN A 7 -0.50 -10.99 -6.44
CA GLN A 7 -1.55 -10.73 -5.43
C GLN A 7 -1.07 -10.98 -4.00
N THR A 8 -0.36 -12.12 -3.79
CA THR A 8 0.16 -12.52 -2.49
C THR A 8 1.05 -11.45 -1.87
N VAL A 9 2.08 -11.02 -2.61
CA VAL A 9 3.01 -9.98 -2.11
C VAL A 9 2.32 -8.63 -1.88
N ILE A 10 1.41 -8.24 -2.80
CA ILE A 10 0.64 -7.01 -2.71
C ILE A 10 -0.23 -7.00 -1.44
N GLN A 11 -0.96 -8.10 -1.17
CA GLN A 11 -1.79 -8.21 0.03
C GLN A 11 -0.98 -8.08 1.32
N LYS A 12 0.21 -8.69 1.34
CA LYS A 12 1.09 -8.65 2.49
C LYS A 12 1.66 -7.25 2.72
N ILE A 13 2.09 -6.57 1.62
CA ILE A 13 2.63 -5.20 1.71
C ILE A 13 1.49 -4.25 2.15
N SER A 14 0.30 -4.35 1.50
CA SER A 14 -0.87 -3.54 1.85
C SER A 14 -1.24 -3.67 3.33
N TRP A 15 -1.33 -4.93 3.86
CA TRP A 15 -1.62 -5.17 5.28
C TRP A 15 -0.60 -4.45 6.13
N LEU A 16 0.69 -4.65 5.82
CA LEU A 16 1.78 -4.06 6.59
C LEU A 16 1.78 -2.52 6.56
N ARG A 17 1.43 -1.91 5.40
CA ARG A 17 1.35 -0.45 5.28
C ARG A 17 0.18 0.11 6.10
N THR A 18 -1.00 -0.54 5.98
CA THR A 18 -2.23 -0.19 6.72
C THR A 18 -2.00 -0.34 8.23
N ALA A 19 -1.20 -1.37 8.63
CA ALA A 19 -0.84 -1.63 10.03
C ALA A 19 0.05 -0.53 10.57
N ILE A 20 0.94 0.02 9.73
CA ILE A 20 1.83 1.14 10.11
C ILE A 20 0.99 2.42 10.23
N ALA A 21 0.06 2.67 9.29
CA ALA A 21 -0.87 3.81 9.34
C ALA A 21 -1.66 3.78 10.64
N PHE A 22 -2.15 2.57 11.02
CA PHE A 22 -2.91 2.31 12.26
C PHE A 22 -2.10 2.69 13.49
N LEU A 23 -0.85 2.19 13.60
CA LEU A 23 0.07 2.45 14.72
C LEU A 23 0.38 3.94 14.86
N LYS A 24 0.68 4.63 13.73
CA LYS A 24 0.97 6.05 13.63
C LYS A 24 -0.18 6.86 14.25
N GLY A 25 -1.40 6.53 13.82
CA GLY A 25 -2.65 7.14 14.29
C GLY A 25 -2.92 6.92 15.76
N TYR A 26 -2.70 5.69 16.25
CA TYR A 26 -2.88 5.35 17.66
C TYR A 26 -1.94 6.21 18.51
N MSE A 27 -0.69 6.37 18.03
CA MSE A 27 0.39 7.12 18.68
C MSE A 27 0.15 8.61 18.74
O MSE A 27 0.48 9.22 19.74
CB MSE A 27 1.73 6.81 18.03
CG MSE A 27 2.20 5.42 18.36
SE MSE A 27 3.99 5.03 17.76
CE MSE A 27 4.23 3.39 18.72
N GLU A 28 -0.41 9.19 17.66
CA GLU A 28 -0.77 10.60 17.58
C GLU A 28 -1.88 10.92 18.62
N THR A 29 -2.95 10.09 18.64
CA THR A 29 -4.10 10.19 19.54
C THR A 29 -3.74 9.94 21.02
N THR A 30 -2.65 9.19 21.29
CA THR A 30 -2.27 8.86 22.68
C THR A 30 -0.91 9.44 23.13
N GLY A 31 -0.16 10.07 22.21
CA GLY A 31 1.13 10.69 22.48
C GLY A 31 2.21 9.73 22.94
N ALA A 32 2.68 8.86 22.02
CA ALA A 32 3.72 7.87 22.28
C ALA A 32 5.11 8.47 22.42
N THR A 33 6.02 7.74 23.12
CA THR A 33 7.40 8.14 23.40
C THR A 33 8.20 8.29 22.09
N LYS A 34 9.28 9.12 22.12
CA LYS A 34 10.17 9.39 20.99
C LYS A 34 10.77 8.09 20.41
N LYS A 35 11.10 7.13 21.30
CA LYS A 35 11.64 5.81 20.97
C LYS A 35 10.59 5.01 20.19
N GLU A 36 9.32 5.06 20.67
CA GLU A 36 8.19 4.35 20.06
C GLU A 36 7.92 4.78 18.61
N LEU A 37 7.96 6.10 18.34
CA LEU A 37 7.77 6.64 16.99
C LEU A 37 8.96 6.33 16.06
N GLU A 38 10.17 6.17 16.65
CA GLU A 38 11.40 5.81 15.96
C GLU A 38 11.27 4.37 15.47
N GLN A 39 10.92 3.43 16.40
CA GLN A 39 10.73 1.98 16.15
C GLN A 39 9.74 1.73 15.00
N VAL A 40 8.62 2.50 14.97
CA VAL A 40 7.57 2.41 13.94
C VAL A 40 8.13 2.87 12.61
N GLU A 41 8.89 4.00 12.62
CA GLU A 41 9.56 4.57 11.44
C GLU A 41 10.54 3.55 10.86
N LYS A 42 11.32 2.88 11.73
CA LYS A 42 12.27 1.82 11.37
C LYS A 42 11.54 0.67 10.67
N LEU A 43 10.35 0.28 11.19
CA LEU A 43 9.51 -0.76 10.57
C LEU A 43 8.99 -0.38 9.20
N LYS A 44 8.49 0.88 9.05
CA LYS A 44 8.01 1.39 7.76
C LYS A 44 9.12 1.29 6.69
N GLU A 45 10.38 1.70 7.05
CA GLU A 45 11.52 1.60 6.15
C GLU A 45 11.83 0.18 5.73
N ARG A 46 11.75 -0.78 6.69
CA ARG A 46 11.93 -2.22 6.41
C ARG A 46 10.89 -2.71 5.38
N VAL A 47 9.64 -2.17 5.47
CA VAL A 47 8.57 -2.53 4.53
C VAL A 47 8.89 -2.00 3.13
N ASP A 48 9.27 -0.69 3.02
CA ASP A 48 9.59 -0.06 1.73
C ASP A 48 10.75 -0.79 1.02
N GLU A 49 11.76 -1.25 1.80
CA GLU A 49 12.91 -1.99 1.27
C GLU A 49 12.47 -3.30 0.61
N ILE A 50 11.74 -4.15 1.36
CA ILE A 50 11.27 -5.43 0.85
C ILE A 50 10.28 -5.25 -0.29
N ALA A 51 9.42 -4.21 -0.21
CA ALA A 51 8.44 -3.89 -1.25
C ALA A 51 9.08 -3.71 -2.63
N THR A 52 10.21 -2.96 -2.71
CA THR A 52 10.91 -2.71 -3.98
C THR A 52 11.55 -3.96 -4.56
N ALA A 53 12.04 -4.86 -3.68
CA ALA A 53 12.64 -6.13 -4.06
C ALA A 53 11.69 -7.03 -4.88
N VAL A 54 10.37 -6.75 -4.84
CA VAL A 54 9.35 -7.54 -5.54
C VAL A 54 8.57 -6.88 -6.68
N ASN A 55 8.76 -5.55 -6.91
CA ASN A 55 8.14 -4.73 -7.97
C ASN A 55 8.24 -5.41 -9.32
N TRP A 56 9.36 -6.11 -9.55
CA TRP A 56 9.58 -6.83 -10.80
C TRP A 56 8.44 -7.78 -11.07
N ASP A 57 7.93 -8.50 -10.01
CA ASP A 57 6.86 -9.48 -10.17
C ASP A 57 5.48 -8.89 -10.45
N VAL A 58 5.24 -7.66 -9.96
CA VAL A 58 4.01 -6.92 -10.24
C VAL A 58 3.92 -6.72 -11.78
N TYR A 59 5.02 -6.26 -12.45
CA TYR A 59 5.03 -6.16 -13.91
C TYR A 59 5.20 -7.52 -14.58
N ALA A 60 6.23 -8.29 -14.16
CA ALA A 60 6.56 -9.59 -14.75
C ALA A 60 5.35 -10.49 -14.95
N GLN A 61 4.51 -10.63 -13.90
CA GLN A 61 3.30 -11.44 -13.95
C GLN A 61 2.35 -11.00 -15.07
N TYR A 62 2.08 -9.68 -15.18
CA TYR A 62 1.21 -9.10 -16.19
C TYR A 62 1.73 -9.40 -17.59
N ALA A 63 3.05 -9.15 -17.80
CA ALA A 63 3.80 -9.30 -19.05
C ALA A 63 3.71 -10.69 -19.68
N ARG A 64 3.82 -11.76 -18.87
CA ARG A 64 3.75 -13.12 -19.42
C ARG A 64 2.35 -13.74 -19.45
N GLY A 65 1.42 -13.01 -20.07
CA GLY A 65 0.01 -13.39 -20.26
C GLY A 65 -0.79 -13.69 -19.02
N ASP A 66 -0.47 -12.98 -17.90
CA ASP A 66 -1.09 -13.11 -16.58
C ASP A 66 -0.94 -14.54 -15.95
N PHE A 67 -0.14 -15.41 -16.60
CA PHE A 67 0.17 -16.76 -16.12
C PHE A 67 1.18 -16.68 -15.00
N ASN A 68 1.07 -17.57 -14.00
CA ASN A 68 2.03 -17.61 -12.91
C ASN A 68 3.11 -18.67 -13.18
N LEU A 69 3.87 -18.45 -14.29
CA LEU A 69 4.97 -19.32 -14.73
C LEU A 69 6.31 -18.64 -14.50
N LEU A 70 6.80 -18.74 -13.24
CA LEU A 70 8.05 -18.15 -12.76
C LEU A 70 9.21 -19.14 -12.83
N SER A 71 10.44 -18.63 -12.85
CA SER A 71 11.64 -19.46 -12.82
C SER A 71 11.91 -19.85 -11.37
N ASP A 72 12.67 -20.94 -11.20
CA ASP A 72 13.10 -21.50 -9.92
C ASP A 72 13.69 -20.39 -9.05
N ASP A 73 14.62 -19.62 -9.61
CA ASP A 73 15.32 -18.51 -8.96
C ASP A 73 14.36 -17.39 -8.56
N GLU A 74 13.40 -17.01 -9.46
CA GLU A 74 12.39 -15.98 -9.24
C GLU A 74 11.50 -16.38 -8.06
N TYR A 75 10.87 -17.59 -8.14
CA TYR A 75 10.05 -18.22 -7.11
C TYR A 75 10.72 -18.15 -5.71
N LYS A 76 12.01 -18.56 -5.62
CA LYS A 76 12.78 -18.57 -4.36
C LYS A 76 12.97 -17.19 -3.75
N GLU A 77 13.25 -16.17 -4.60
CA GLU A 77 13.42 -14.78 -4.21
C GLU A 77 12.07 -14.23 -3.71
N ILE A 78 10.94 -14.59 -4.37
CA ILE A 78 9.59 -14.19 -3.92
C ILE A 78 9.32 -14.82 -2.52
N GLN A 79 9.62 -16.14 -2.37
CA GLN A 79 9.45 -16.89 -1.13
C GLN A 79 10.28 -16.33 0.00
N LYS A 80 11.51 -15.87 -0.30
CA LYS A 80 12.39 -15.28 0.71
C LYS A 80 11.89 -13.90 1.12
N ALA A 81 11.26 -13.18 0.18
CA ALA A 81 10.67 -11.87 0.44
C ALA A 81 9.42 -12.06 1.31
N LEU A 82 8.56 -13.05 0.96
CA LEU A 82 7.36 -13.43 1.72
C LEU A 82 7.67 -13.70 3.18
N LEU A 83 8.85 -14.28 3.42
CA LEU A 83 9.38 -14.62 4.73
C LEU A 83 9.76 -13.40 5.55
N VAL A 84 10.46 -12.45 4.92
CA VAL A 84 10.91 -11.20 5.55
C VAL A 84 9.66 -10.37 5.95
N LEU A 85 8.65 -10.37 5.05
CA LEU A 85 7.37 -9.68 5.22
C LEU A 85 6.61 -10.23 6.45
N GLU A 86 6.66 -11.58 6.65
CA GLU A 86 6.01 -12.25 7.78
C GLU A 86 6.71 -11.92 9.07
N ASP A 87 8.04 -11.74 9.04
CA ASP A 87 8.78 -11.29 10.23
C ASP A 87 8.39 -9.86 10.57
N ILE A 88 8.15 -9.02 9.54
CA ILE A 88 7.75 -7.62 9.74
C ILE A 88 6.38 -7.59 10.44
N LYS A 89 5.44 -8.44 9.98
CA LYS A 89 4.12 -8.58 10.58
C LYS A 89 4.24 -8.89 12.08
N GLU A 90 5.11 -9.85 12.43
CA GLU A 90 5.40 -10.28 13.80
C GLU A 90 5.86 -9.10 14.64
N GLN A 91 6.83 -8.32 14.12
CA GLN A 91 7.37 -7.15 14.80
C GLN A 91 6.34 -6.01 14.93
N ILE A 92 5.39 -5.93 13.99
CA ILE A 92 4.29 -4.95 14.02
C ILE A 92 3.35 -5.26 15.21
N ILE A 93 2.87 -6.54 15.31
CA ILE A 93 1.96 -7.03 16.34
C ILE A 93 2.61 -6.87 17.72
N VAL A 94 3.89 -7.24 17.80
CA VAL A 94 4.71 -7.08 19.00
C VAL A 94 4.76 -5.61 19.42
N GLU A 95 4.94 -4.68 18.45
CA GLU A 95 4.98 -3.24 18.68
C GLU A 95 3.65 -2.74 19.19
N MET A 96 2.54 -3.13 18.51
CA MET A 96 1.16 -2.78 18.89
C MET A 96 0.98 -3.12 20.38
N LEU A 97 1.26 -4.38 20.76
CA LEU A 97 1.15 -4.89 22.14
C LEU A 97 2.00 -4.15 23.16
N ARG A 98 3.21 -3.75 22.77
CA ARG A 98 4.18 -3.02 23.58
C ARG A 98 3.74 -1.58 23.88
N VAL A 99 3.00 -0.97 22.94
CA VAL A 99 2.59 0.44 23.07
C VAL A 99 1.26 0.68 23.78
N GLY A 100 0.62 -0.40 24.25
CA GLY A 100 -0.63 -0.33 24.99
C GLY A 100 -1.87 -0.61 24.17
N LEU A 101 -1.68 -0.86 22.86
CA LEU A 101 -2.73 -1.21 21.91
C LEU A 101 -3.23 -2.62 22.28
N ALA A 102 -4.56 -2.83 22.20
CA ALA A 102 -5.24 -4.10 22.54
C ALA A 102 -5.02 -4.51 24.03
N GLN A 103 -5.31 -3.57 24.95
CA GLN A 103 -5.14 -3.75 26.39
C GLN A 103 -6.12 -4.77 26.94
N GLY A 104 -7.41 -4.45 26.85
CA GLY A 104 -8.51 -5.31 27.26
C GLY A 104 -9.09 -5.97 26.02
N GLN A 105 -8.25 -6.74 25.33
CA GLN A 105 -8.56 -7.45 24.08
C GLN A 105 -7.76 -8.76 24.07
N MET A 106 -8.38 -9.84 23.51
CA MET A 106 -7.78 -11.18 23.35
C MET A 106 -6.68 -11.05 22.26
N GLY A 107 -5.47 -10.72 22.71
CA GLY A 107 -4.34 -10.47 21.82
C GLY A 107 -4.59 -9.27 20.94
N THR A 108 -4.42 -9.42 19.63
CA THR A 108 -4.68 -8.35 18.65
C THR A 108 -5.74 -8.80 17.66
N LEU A 109 -6.56 -9.77 18.05
CA LEU A 109 -7.61 -10.36 17.22
C LEU A 109 -8.57 -9.40 16.56
N LYS A 110 -9.08 -8.40 17.30
CA LYS A 110 -10.03 -7.43 16.76
C LYS A 110 -9.33 -6.45 15.80
N ILE A 111 -8.12 -5.97 16.18
CA ILE A 111 -7.31 -5.04 15.41
C ILE A 111 -6.99 -5.70 14.09
N SER A 112 -6.51 -6.97 14.17
CA SER A 112 -6.15 -7.81 13.03
C SER A 112 -7.35 -8.00 12.06
N ASP A 113 -8.53 -8.29 12.59
CA ASP A 113 -9.76 -8.47 11.79
C ASP A 113 -10.15 -7.16 11.09
N TYR A 114 -10.05 -6.02 11.81
CA TYR A 114 -10.28 -4.68 11.28
C TYR A 114 -9.30 -4.39 10.13
N LEU A 115 -8.00 -4.67 10.34
CA LEU A 115 -6.96 -4.46 9.33
C LEU A 115 -7.21 -5.27 8.07
N ASP A 116 -7.59 -6.55 8.24
CA ASP A 116 -7.89 -7.48 7.15
C ASP A 116 -9.06 -6.96 6.33
N SER A 117 -10.06 -6.33 7.00
CA SER A 117 -11.29 -5.81 6.38
C SER A 117 -11.00 -4.69 5.39
N LEU A 118 -10.04 -3.80 5.74
CA LEU A 118 -9.59 -2.66 4.96
C LEU A 118 -8.92 -3.06 3.60
N ASP A 119 -8.31 -4.26 3.55
CA ASP A 119 -7.56 -4.85 2.44
C ASP A 119 -8.38 -5.60 1.38
N SER A 120 -9.53 -6.17 1.78
CA SER A 120 -10.39 -6.93 0.87
C SER A 120 -11.74 -6.26 0.73
N ALA B 2 -18.78 10.37 -1.64
CA ALA B 2 -19.38 9.11 -2.13
C ALA B 2 -18.57 7.86 -1.66
N PHE B 3 -17.95 7.98 -0.46
CA PHE B 3 -17.06 6.99 0.14
C PHE B 3 -17.61 6.27 1.40
N ASN B 4 -16.82 5.30 1.92
CA ASN B 4 -17.17 4.50 3.08
C ASN B 4 -16.13 4.51 4.22
N GLY B 5 -15.24 5.50 4.22
CA GLY B 5 -14.21 5.64 5.24
C GLY B 5 -12.85 5.09 4.86
N ALA B 6 -12.14 4.52 5.86
CA ALA B 6 -10.80 3.94 5.75
C ALA B 6 -10.61 2.94 4.62
N GLN B 7 -11.60 2.06 4.36
CA GLN B 7 -11.53 1.06 3.29
C GLN B 7 -11.34 1.73 1.93
N THR B 8 -12.12 2.81 1.62
CA THR B 8 -12.04 3.57 0.37
C THR B 8 -10.63 4.16 0.15
N VAL B 9 -10.10 4.84 1.19
CA VAL B 9 -8.77 5.46 1.21
C VAL B 9 -7.64 4.45 1.01
N ILE B 10 -7.67 3.30 1.75
CA ILE B 10 -6.67 2.24 1.66
C ILE B 10 -6.72 1.63 0.26
N GLN B 11 -7.91 1.32 -0.24
CA GLN B 11 -8.04 0.76 -1.58
C GLN B 11 -7.52 1.70 -2.68
N LYS B 12 -7.65 3.03 -2.46
CA LYS B 12 -7.17 4.03 -3.40
C LYS B 12 -5.66 4.20 -3.35
N ILE B 13 -5.08 4.33 -2.13
CA ILE B 13 -3.64 4.45 -1.89
C ILE B 13 -2.93 3.17 -2.38
N SER B 14 -3.47 1.97 -2.06
CA SER B 14 -2.92 0.68 -2.49
C SER B 14 -2.87 0.52 -4.01
N TRP B 15 -3.92 0.94 -4.72
CA TRP B 15 -3.96 0.83 -6.19
C TRP B 15 -2.84 1.69 -6.81
N LEU B 16 -2.71 2.93 -6.29
CA LEU B 16 -1.72 3.90 -6.72
C LEU B 16 -0.29 3.34 -6.50
N ARG B 17 -0.03 2.78 -5.30
CA ARG B 17 1.25 2.16 -4.91
C ARG B 17 1.64 0.94 -5.75
N THR B 18 0.64 0.15 -6.16
CA THR B 18 0.79 -1.04 -7.00
C THR B 18 1.06 -0.62 -8.43
N ALA B 19 0.37 0.44 -8.91
CA ALA B 19 0.56 0.97 -10.27
C ALA B 19 2.02 1.51 -10.42
N ILE B 20 2.52 2.17 -9.37
CA ILE B 20 3.89 2.69 -9.33
C ILE B 20 4.90 1.52 -9.39
N ALA B 21 4.58 0.43 -8.62
CA ALA B 21 5.36 -0.81 -8.54
C ALA B 21 5.37 -1.46 -9.90
N PHE B 22 4.23 -1.42 -10.58
CA PHE B 22 4.07 -1.93 -11.93
C PHE B 22 4.91 -1.08 -12.92
N LEU B 23 5.00 0.27 -12.72
CA LEU B 23 5.78 1.15 -13.61
C LEU B 23 7.26 0.96 -13.41
N LYS B 24 7.71 0.90 -12.15
CA LYS B 24 9.11 0.63 -11.81
C LYS B 24 9.53 -0.77 -12.29
N GLY B 25 8.58 -1.72 -12.25
CA GLY B 25 8.75 -3.09 -12.69
C GLY B 25 9.03 -3.20 -14.16
N TYR B 26 8.26 -2.47 -14.98
CA TYR B 26 8.39 -2.40 -16.43
C TYR B 26 9.71 -1.73 -16.85
N MET B 27 10.04 -0.60 -16.20
CA MET B 27 11.24 0.19 -16.45
C MET B 27 12.52 -0.59 -16.24
N GLU B 28 12.55 -1.51 -15.24
CA GLU B 28 13.68 -2.38 -14.95
C GLU B 28 13.99 -3.29 -16.16
N THR B 29 12.93 -3.91 -16.73
CA THR B 29 13.03 -4.82 -17.87
C THR B 29 13.46 -4.07 -19.12
N THR B 30 12.68 -3.06 -19.53
CA THR B 30 12.92 -2.25 -20.73
C THR B 30 14.14 -1.33 -20.67
N GLY B 31 14.61 -1.03 -19.46
CA GLY B 31 15.70 -0.08 -19.23
C GLY B 31 15.14 1.34 -19.20
N ALA B 32 15.57 2.13 -18.21
CA ALA B 32 15.09 3.50 -18.09
C ALA B 32 16.22 4.50 -17.85
N THR B 33 15.99 5.80 -18.17
CA THR B 33 16.96 6.84 -17.89
C THR B 33 16.74 7.33 -16.48
N LYS B 34 17.60 8.24 -15.99
CA LYS B 34 17.43 8.84 -14.67
C LYS B 34 16.19 9.77 -14.74
N LYS B 35 15.97 10.46 -15.90
CA LYS B 35 14.82 11.35 -16.15
C LYS B 35 13.49 10.56 -16.20
N GLU B 36 13.50 9.41 -16.89
CA GLU B 36 12.36 8.52 -17.01
C GLU B 36 11.93 8.02 -15.60
N LEU B 37 12.93 7.71 -14.75
CA LEU B 37 12.70 7.23 -13.38
C LEU B 37 12.20 8.33 -12.45
N GLU B 38 12.71 9.57 -12.61
CA GLU B 38 12.38 10.75 -11.82
C GLU B 38 10.90 11.17 -11.89
N GLN B 39 10.24 10.99 -13.04
CA GLN B 39 8.81 11.30 -13.16
C GLN B 39 7.92 10.25 -12.43
N VAL B 40 8.42 9.01 -12.30
CA VAL B 40 7.75 7.95 -11.55
C VAL B 40 7.92 8.27 -10.05
N GLU B 41 9.10 8.78 -9.69
CA GLU B 41 9.42 9.19 -8.34
C GLU B 41 8.63 10.42 -7.87
N LYS B 42 8.19 11.28 -8.81
CA LYS B 42 7.39 12.46 -8.47
C LYS B 42 6.00 11.97 -8.11
N LEU B 43 5.51 10.94 -8.81
CA LEU B 43 4.23 10.28 -8.58
C LEU B 43 4.19 9.59 -7.23
N LYS B 44 5.22 8.77 -6.93
CA LYS B 44 5.41 8.07 -5.66
C LYS B 44 5.44 9.07 -4.51
N GLU B 45 6.15 10.20 -4.70
CA GLU B 45 6.20 11.22 -3.65
C GLU B 45 4.83 11.90 -3.39
N ARG B 46 3.99 12.02 -4.45
CA ARG B 46 2.64 12.56 -4.39
C ARG B 46 1.77 11.57 -3.54
N VAL B 47 1.80 10.27 -3.87
CA VAL B 47 1.09 9.22 -3.12
C VAL B 47 1.51 9.23 -1.63
N ASP B 48 2.81 9.36 -1.33
CA ASP B 48 3.27 9.40 0.07
C ASP B 48 2.81 10.67 0.83
N GLU B 49 2.62 11.78 0.11
CA GLU B 49 2.19 13.07 0.68
C GLU B 49 0.73 12.96 1.18
N ILE B 50 -0.15 12.57 0.26
CA ILE B 50 -1.56 12.43 0.49
C ILE B 50 -1.89 11.31 1.49
N ALA B 51 -1.11 10.20 1.46
CA ALA B 51 -1.25 9.04 2.35
C ALA B 51 -1.12 9.45 3.80
N THR B 52 -0.04 10.18 4.15
CA THR B 52 0.23 10.66 5.51
C THR B 52 -0.82 11.68 6.01
N ALA B 53 -1.48 12.40 5.10
CA ALA B 53 -2.51 13.36 5.46
C ALA B 53 -3.86 12.68 5.71
N VAL B 54 -4.00 11.42 5.30
CA VAL B 54 -5.25 10.65 5.43
C VAL B 54 -5.14 9.40 6.35
N ASN B 55 -3.93 9.14 6.91
CA ASN B 55 -3.61 7.99 7.77
C ASN B 55 -4.35 7.94 9.07
N TRP B 56 -4.60 9.12 9.70
CA TRP B 56 -5.30 9.28 10.98
C TRP B 56 -6.62 8.49 11.02
N ASP B 57 -7.31 8.42 9.86
CA ASP B 57 -8.61 7.77 9.66
C ASP B 57 -8.56 6.24 9.83
N VAL B 58 -7.37 5.61 9.64
CA VAL B 58 -7.18 4.17 9.83
C VAL B 58 -7.42 3.86 11.30
N TYR B 59 -6.72 4.55 12.22
CA TYR B 59 -6.95 4.34 13.64
C TYR B 59 -8.30 4.94 14.10
N ALA B 60 -8.68 6.14 13.58
CA ALA B 60 -9.92 6.83 13.97
C ALA B 60 -11.17 6.00 13.69
N GLN B 61 -11.32 5.41 12.49
CA GLN B 61 -12.48 4.58 12.19
C GLN B 61 -12.61 3.41 13.17
N TYR B 62 -11.44 2.87 13.63
CA TYR B 62 -11.36 1.76 14.57
C TYR B 62 -11.82 2.20 15.96
N ALA B 63 -11.26 3.33 16.44
CA ALA B 63 -11.54 3.94 17.74
C ALA B 63 -13.04 4.27 17.95
N ARG B 64 -13.88 4.15 16.87
CA ARG B 64 -15.32 4.39 16.90
C ARG B 64 -16.17 3.29 16.25
N GLY B 65 -15.95 2.06 16.73
CA GLY B 65 -16.68 0.86 16.34
C GLY B 65 -16.73 0.48 14.87
N ASP B 66 -15.67 0.84 14.10
CA ASP B 66 -15.60 0.56 12.66
C ASP B 66 -16.83 1.16 11.95
N PHE B 67 -17.03 2.43 12.22
CA PHE B 67 -18.09 3.24 11.64
C PHE B 67 -17.41 4.47 11.07
N ASN B 68 -17.77 4.81 9.85
CA ASN B 68 -17.27 6.00 9.19
C ASN B 68 -18.15 7.14 9.73
N LEU B 69 -17.70 7.75 10.82
CA LEU B 69 -18.34 8.82 11.55
C LEU B 69 -17.28 9.89 11.68
N LEU B 70 -17.43 10.95 10.89
CA LEU B 70 -16.43 12.02 10.77
C LEU B 70 -16.97 13.38 11.16
N SER B 71 -16.10 14.22 11.74
CA SER B 71 -16.39 15.60 12.08
C SER B 71 -16.33 16.46 10.80
N ASP B 72 -16.73 17.76 10.91
CA ASP B 72 -16.74 18.71 9.79
C ASP B 72 -15.33 18.87 9.17
N ASP B 73 -14.30 19.15 10.00
CA ASP B 73 -12.91 19.28 9.57
C ASP B 73 -12.46 17.97 8.88
N GLU B 74 -12.68 16.83 9.55
CA GLU B 74 -12.36 15.50 9.05
C GLU B 74 -12.97 15.21 7.71
N TYR B 75 -14.28 15.47 7.55
CA TYR B 75 -14.95 15.21 6.27
C TYR B 75 -14.42 16.07 5.12
N LYS B 76 -14.18 17.39 5.37
CA LYS B 76 -13.66 18.34 4.38
C LYS B 76 -12.24 17.92 3.94
N GLU B 77 -11.36 17.59 4.92
CA GLU B 77 -9.99 17.13 4.72
C GLU B 77 -9.90 15.88 3.82
N ILE B 78 -10.86 14.95 3.98
CA ILE B 78 -10.96 13.70 3.23
C ILE B 78 -11.47 13.92 1.81
N GLN B 79 -12.40 14.89 1.63
CA GLN B 79 -13.01 15.27 0.34
C GLN B 79 -11.92 15.82 -0.57
N LYS B 80 -10.98 16.60 0.02
CA LYS B 80 -9.80 17.19 -0.59
C LYS B 80 -8.88 16.03 -1.03
N ALA B 81 -8.43 15.20 -0.06
CA ALA B 81 -7.57 14.04 -0.29
C ALA B 81 -8.09 13.10 -1.39
N LEU B 82 -9.39 12.83 -1.45
CA LEU B 82 -9.98 12.00 -2.52
C LEU B 82 -9.83 12.63 -3.93
N LEU B 83 -9.85 13.96 -4.00
CA LEU B 83 -9.70 14.69 -5.27
C LEU B 83 -8.27 14.64 -5.76
N VAL B 84 -7.32 14.81 -4.85
CA VAL B 84 -5.91 14.71 -5.16
C VAL B 84 -5.58 13.30 -5.65
N LEU B 85 -6.08 12.26 -4.93
CA LEU B 85 -5.85 10.85 -5.25
C LEU B 85 -6.37 10.47 -6.61
N GLU B 86 -7.51 11.06 -7.02
CA GLU B 86 -8.10 10.74 -8.33
C GLU B 86 -7.32 11.42 -9.47
N ASP B 87 -6.64 12.54 -9.12
CA ASP B 87 -5.78 13.30 -10.02
C ASP B 87 -4.51 12.46 -10.29
N ILE B 88 -3.81 12.03 -9.20
CA ILE B 88 -2.65 11.11 -9.23
C ILE B 88 -2.99 9.83 -10.04
N LYS B 89 -4.21 9.30 -9.88
CA LYS B 89 -4.63 8.15 -10.68
C LYS B 89 -4.58 8.46 -12.18
N GLU B 90 -5.15 9.60 -12.62
CA GLU B 90 -5.12 9.96 -14.04
C GLU B 90 -3.69 10.29 -14.52
N GLN B 91 -2.84 10.87 -13.62
CA GLN B 91 -1.44 11.15 -13.93
C GLN B 91 -0.66 9.87 -14.26
N ILE B 92 -0.93 8.76 -13.50
CA ILE B 92 -0.35 7.43 -13.65
C ILE B 92 -0.79 6.82 -14.95
N ILE B 93 -2.08 6.98 -15.32
CA ILE B 93 -2.65 6.50 -16.58
C ILE B 93 -1.91 7.18 -17.74
N VAL B 94 -1.72 8.51 -17.64
CA VAL B 94 -1.00 9.35 -18.60
C VAL B 94 0.43 8.78 -18.72
N GLU B 95 1.09 8.55 -17.55
CA GLU B 95 2.41 7.95 -17.46
C GLU B 95 2.51 6.60 -18.18
N MET B 96 1.47 5.74 -18.06
CA MET B 96 1.40 4.43 -18.72
C MET B 96 1.48 4.56 -20.25
N LEU B 97 0.78 5.57 -20.79
CA LEU B 97 0.79 5.89 -22.22
C LEU B 97 2.12 6.52 -22.64
N ARG B 98 2.63 7.48 -21.86
CA ARG B 98 3.89 8.19 -22.10
C ARG B 98 5.08 7.24 -22.26
N VAL B 99 5.22 6.26 -21.34
CA VAL B 99 6.29 5.26 -21.34
C VAL B 99 6.06 4.12 -22.34
N GLY B 100 4.89 4.12 -23.00
CA GLY B 100 4.58 3.12 -24.02
C GLY B 100 4.05 1.78 -23.55
N LEU B 101 3.64 1.69 -22.26
CA LEU B 101 3.05 0.48 -21.67
C LEU B 101 1.70 0.12 -22.28
N ALA B 102 0.96 1.16 -22.73
CA ALA B 102 -0.34 1.04 -23.38
C ALA B 102 -0.44 2.01 -24.56
N GLN B 103 -1.34 1.67 -25.49
CA GLN B 103 -1.66 2.43 -26.67
C GLN B 103 -3.19 2.44 -26.69
N GLY B 104 -3.78 3.57 -26.31
CA GLY B 104 -5.22 3.75 -26.26
C GLY B 104 -5.87 3.36 -24.94
N GLN B 105 -7.20 3.55 -24.88
CA GLN B 105 -8.03 3.27 -23.71
C GLN B 105 -8.16 1.77 -23.41
N MET B 106 -8.01 0.90 -24.43
CA MET B 106 -8.12 -0.54 -24.25
C MET B 106 -6.96 -1.10 -23.40
N GLY B 107 -5.76 -0.55 -23.60
CA GLY B 107 -4.55 -0.92 -22.88
C GLY B 107 -4.53 -0.46 -21.43
N THR B 108 -5.02 0.76 -21.16
CA THR B 108 -5.08 1.34 -19.82
C THR B 108 -6.11 0.63 -18.94
N LEU B 109 -7.20 0.15 -19.57
CA LEU B 109 -8.26 -0.62 -18.91
C LEU B 109 -7.70 -2.00 -18.46
N LYS B 110 -7.03 -2.74 -19.40
CA LYS B 110 -6.44 -4.06 -19.12
C LYS B 110 -5.39 -4.01 -18.01
N ILE B 111 -4.63 -2.91 -17.92
CA ILE B 111 -3.63 -2.72 -16.89
C ILE B 111 -4.33 -2.43 -15.55
N SER B 112 -5.36 -1.56 -15.54
CA SER B 112 -6.13 -1.21 -14.33
C SER B 112 -6.88 -2.43 -13.78
N ASP B 113 -7.42 -3.26 -14.67
CA ASP B 113 -8.13 -4.50 -14.34
C ASP B 113 -7.19 -5.47 -13.63
N TYR B 114 -5.92 -5.54 -14.10
CA TYR B 114 -4.84 -6.34 -13.54
C TYR B 114 -4.44 -5.77 -12.18
N LEU B 115 -4.46 -4.45 -12.02
CA LEU B 115 -4.08 -3.82 -10.77
C LEU B 115 -5.17 -3.98 -9.72
N ASP B 116 -6.45 -3.91 -10.16
CA ASP B 116 -7.64 -4.10 -9.32
C ASP B 116 -7.61 -5.53 -8.74
N SER B 117 -7.28 -6.52 -9.62
CA SER B 117 -7.17 -7.95 -9.33
C SER B 117 -6.13 -8.26 -8.28
N LEU B 118 -5.07 -7.46 -8.22
CA LEU B 118 -3.98 -7.62 -7.26
C LEU B 118 -4.34 -7.08 -5.89
N ASP B 119 -5.21 -6.07 -5.89
CA ASP B 119 -5.67 -5.34 -4.72
C ASP B 119 -6.92 -5.90 -4.03
N SER B 120 -7.86 -6.49 -4.81
CA SER B 120 -9.11 -7.03 -4.27
C SER B 120 -8.96 -8.49 -3.86
#